data_5V86
#
_entry.id   5V86
#
_cell.length_a   35.045
_cell.length_b   96.849
_cell.length_c   59.302
_cell.angle_alpha   90.000
_cell.angle_beta   105.830
_cell.angle_gamma   90.000
#
_symmetry.space_group_name_H-M   'P 1 21 1'
#
loop_
_entity.id
_entity.type
_entity.pdbx_description
1 polymer 'Lysozyme,DCN1-like protein 1'
2 non-polymer "N-benzyl-N-(1-butylpiperidin-4-yl)-N'-(3,4-dichlorophenyl)urea"
3 water water
#
_entity_poly.entity_id   1
_entity_poly.type   'polypeptide(L)'
_entity_poly.pdbx_seq_one_letter_code
;MGSSHHHHHHSQDLENLYFQGSMNIFEMLRIDEGLRLKIYKDTEGYYTIGIGHLLTKSPSLNAAKSELDKAIGRNTNGVI
TKDEAEKLFNQDVDAAVRGILRNAKLKPVYDSLDAVRRAALINMVFQMGETGVAGFTNSLRMLQQKRWAEAAVNLAKSRW
YNQTPNRTKRVITTFATGTWDAYKNLRKKLEQLYNRYKDPQDENKIGIDGIQQFCDDLALDPASISVLIIAWKFRAATQC
EFSKQEFMDGMTELGCDSIEKLKAQIPKMEQELKEPGRFKDFYQFTFNFAKNPGQKGLDLEMAIAYWNLVLNGRFKFLDL
WNKFLLEHHKRSIPKDTWNLLLDFSTMIADDMSNYDEEGAWPVLIDDFVEFARPQIAGTKSTTV
;
_entity_poly.pdbx_strand_id   A
#
loop_
_chem_comp.id
_chem_comp.type
_chem_comp.name
_chem_comp.formula
8ZA non-polymer N-benzyl-N-(1-butylpiperidin-4-yl)-N'-(3,4-dichlorophenyl)urea 'C23 H29 Cl2 N3 O'
#
# COMPACT_ATOMS: atom_id res chain seq x y z
N GLN A 12 0.17 -28.76 -2.80
CA GLN A 12 0.38 -27.28 -2.96
C GLN A 12 1.82 -26.85 -3.23
N ASP A 13 2.76 -27.79 -3.21
CA ASP A 13 4.18 -27.45 -3.40
C ASP A 13 4.37 -26.71 -4.70
N LEU A 14 5.15 -25.64 -4.69
CA LEU A 14 5.35 -24.88 -5.90
C LEU A 14 6.18 -25.68 -6.89
N GLU A 15 6.94 -26.66 -6.39
CA GLU A 15 7.69 -27.56 -7.27
C GLU A 15 6.79 -28.29 -8.26
N ASN A 16 5.53 -28.53 -7.86
CA ASN A 16 4.56 -29.16 -8.78
C ASN A 16 4.26 -28.28 -9.99
N LEU A 17 4.67 -27.01 -9.93
CA LEU A 17 4.42 -26.04 -11.00
C LEU A 17 5.65 -25.66 -11.79
N TYR A 18 6.75 -26.41 -11.58
CA TYR A 18 8.01 -26.02 -12.19
C TYR A 18 8.01 -26.12 -13.72
N PHE A 19 7.06 -26.88 -14.28
CA PHE A 19 6.94 -27.05 -15.73
C PHE A 19 6.27 -25.84 -16.36
N GLN A 20 5.66 -25.01 -15.55
CA GLN A 20 4.99 -23.81 -16.06
C GLN A 20 6.01 -22.76 -16.38
N GLY A 21 5.56 -21.64 -16.95
CA GLY A 21 6.42 -20.49 -17.14
C GLY A 21 6.73 -19.83 -15.82
N SER A 22 7.82 -19.08 -15.77
CA SER A 22 8.14 -18.33 -14.57
C SER A 22 7.21 -17.15 -14.41
N MET A 23 6.65 -16.67 -15.53
CA MET A 23 5.60 -15.68 -15.47
C MET A 23 4.29 -16.44 -15.38
N ASN A 24 3.44 -15.98 -14.48
CA ASN A 24 2.22 -16.70 -14.23
C ASN A 24 1.26 -15.75 -13.57
N ILE A 25 0.10 -16.26 -13.24
CA ILE A 25 -0.94 -15.44 -12.72
C ILE A 25 -0.56 -14.81 -11.40
N PHE A 26 0.22 -15.49 -10.56
CA PHE A 26 0.63 -14.89 -9.30
C PHE A 26 1.53 -13.69 -9.56
N GLU A 27 2.47 -13.87 -10.46
CA GLU A 27 3.39 -12.78 -10.79
C GLU A 27 2.66 -11.62 -11.45
N MET A 28 1.64 -11.95 -12.20
CA MET A 28 0.81 -10.95 -12.85
C MET A 28 0.06 -10.12 -11.81
N LEU A 29 -0.57 -10.80 -10.85
CA LEU A 29 -1.29 -10.07 -9.81
C LEU A 29 -0.38 -9.38 -8.80
N ARG A 30 0.82 -9.91 -8.62
CA ARG A 30 1.79 -9.20 -7.82
C ARG A 30 2.13 -7.81 -8.42
N ILE A 31 2.19 -7.73 -9.74
CA ILE A 31 2.38 -6.48 -10.46
C ILE A 31 1.09 -5.63 -10.44
N ASP A 32 -0.08 -6.25 -10.60
CA ASP A 32 -1.32 -5.47 -10.76
C ASP A 32 -2.00 -5.06 -9.49
N GLU A 33 -1.94 -5.92 -8.47
N GLU A 33 -1.92 -5.91 -8.47
CA GLU A 33 -2.66 -5.70 -7.20
CA GLU A 33 -2.59 -5.63 -7.21
C GLU A 33 -1.73 -5.60 -5.98
C GLU A 33 -1.55 -5.31 -6.14
N GLY A 34 -0.52 -6.15 -6.09
CA GLY A 34 0.49 -6.03 -5.05
C GLY A 34 0.47 -7.18 -4.07
N LEU A 35 1.59 -7.39 -3.41
CA LEU A 35 1.76 -8.49 -2.49
C LEU A 35 2.15 -7.92 -1.13
N ARG A 36 1.45 -8.37 -0.10
CA ARG A 36 1.73 -7.96 1.27
C ARG A 36 2.10 -9.18 2.09
N LEU A 37 3.24 -9.13 2.77
CA LEU A 37 3.75 -10.32 3.48
C LEU A 37 3.45 -10.28 4.95
N LYS A 38 2.85 -9.20 5.44
CA LYS A 38 2.43 -9.16 6.83
C LYS A 38 0.95 -8.88 6.88
N ILE A 39 0.28 -9.41 7.87
CA ILE A 39 -1.14 -9.16 8.02
C ILE A 39 -1.38 -7.66 8.07
N TYR A 40 -2.44 -7.25 7.39
CA TYR A 40 -2.83 -5.84 7.38
C TYR A 40 -4.32 -5.74 7.29
N LYS A 41 -4.87 -4.57 7.57
CA LYS A 41 -6.29 -4.34 7.40
C LYS A 41 -6.54 -3.76 6.03
N ASP A 42 -7.51 -4.32 5.33
CA ASP A 42 -7.89 -3.79 4.04
C ASP A 42 -8.76 -2.56 4.20
N THR A 43 -9.42 -2.17 3.12
CA THR A 43 -10.34 -1.05 3.11
C THR A 43 -11.47 -1.17 4.13
N GLU A 44 -12.17 -2.31 4.10
CA GLU A 44 -13.27 -2.53 5.00
C GLU A 44 -12.80 -2.85 6.43
N GLY A 45 -11.50 -2.80 6.65
CA GLY A 45 -10.96 -3.00 7.99
C GLY A 45 -10.68 -4.45 8.37
N TYR A 46 -10.75 -5.37 7.39
CA TYR A 46 -10.57 -6.80 7.64
C TYR A 46 -9.11 -7.29 7.46
N TYR A 47 -8.70 -8.19 8.34
CA TYR A 47 -7.35 -8.76 8.29
C TYR A 47 -7.15 -9.61 7.05
N THR A 48 -6.13 -9.20 6.30
CA THR A 48 -5.82 -9.74 4.97
C THR A 48 -4.31 -9.98 4.89
N ILE A 49 -3.89 -10.84 3.96
CA ILE A 49 -2.48 -11.00 3.71
C ILE A 49 -2.27 -11.46 2.28
N GLY A 50 -1.04 -11.43 1.82
CA GLY A 50 -0.72 -11.98 0.52
C GLY A 50 -1.23 -11.08 -0.57
N ILE A 51 -1.85 -11.67 -1.57
CA ILE A 51 -2.51 -10.91 -2.62
C ILE A 51 -4.01 -10.98 -2.33
N GLY A 52 -4.47 -10.07 -1.50
CA GLY A 52 -5.88 -9.91 -1.20
C GLY A 52 -6.54 -11.13 -0.58
N HIS A 53 -5.80 -11.92 0.18
CA HIS A 53 -6.38 -13.08 0.84
C HIS A 53 -6.98 -12.70 2.20
N LEU A 54 -8.30 -12.71 2.29
CA LEU A 54 -8.98 -12.35 3.53
C LEU A 54 -8.80 -13.46 4.56
N LEU A 55 -8.34 -13.12 5.77
CA LEU A 55 -8.11 -14.12 6.79
C LEU A 55 -9.31 -14.35 7.69
N THR A 56 -10.03 -13.29 8.02
CA THR A 56 -11.14 -13.37 8.96
C THR A 56 -11.78 -12.00 9.00
N LYS A 57 -13.04 -11.92 9.45
CA LYS A 57 -13.68 -10.62 9.64
C LYS A 57 -13.63 -10.22 11.12
N SER A 58 -13.00 -11.07 11.92
CA SER A 58 -12.92 -10.84 13.37
C SER A 58 -12.03 -9.64 13.64
N PRO A 59 -12.39 -8.82 14.65
CA PRO A 59 -11.53 -7.68 14.99
C PRO A 59 -10.24 -8.12 15.67
N SER A 60 -10.13 -9.39 16.02
CA SER A 60 -9.00 -9.88 16.79
C SER A 60 -7.84 -10.25 15.90
N LEU A 61 -6.73 -9.55 16.07
CA LEU A 61 -5.51 -9.87 15.32
C LEU A 61 -5.06 -11.28 15.66
N ASN A 62 -5.29 -11.68 16.90
CA ASN A 62 -4.91 -13.02 17.31
C ASN A 62 -5.70 -14.09 16.59
N ALA A 63 -6.95 -13.78 16.30
CA ALA A 63 -7.79 -14.68 15.54
C ALA A 63 -7.21 -14.81 14.14
N ALA A 64 -6.89 -13.68 13.54
CA ALA A 64 -6.35 -13.66 12.20
C ALA A 64 -5.06 -14.45 12.14
N LYS A 65 -4.22 -14.34 13.17
CA LYS A 65 -2.95 -15.06 13.19
C LYS A 65 -3.17 -16.56 13.30
N SER A 66 -4.22 -16.95 14.00
CA SER A 66 -4.54 -18.36 14.17
C SER A 66 -4.95 -18.98 12.85
N GLU A 67 -5.84 -18.28 12.13
CA GLU A 67 -6.24 -18.68 10.79
C GLU A 67 -5.03 -18.77 9.86
N LEU A 68 -4.10 -17.83 9.98
CA LEU A 68 -2.95 -17.82 9.09
C LEU A 68 -1.98 -18.96 9.43
N ASP A 69 -1.75 -19.18 10.72
CA ASP A 69 -0.88 -20.28 11.17
C ASP A 69 -1.47 -21.62 10.75
N LYS A 70 -2.80 -21.68 10.81
CA LYS A 70 -3.54 -22.83 10.35
C LYS A 70 -3.32 -23.04 8.84
N ALA A 71 -3.45 -21.97 8.05
CA ALA A 71 -3.34 -22.13 6.60
C ALA A 71 -1.92 -22.39 6.14
N ILE A 72 -0.94 -21.86 6.85
CA ILE A 72 0.44 -22.00 6.40
C ILE A 72 1.10 -23.25 6.98
N GLY A 73 0.64 -23.65 8.17
CA GLY A 73 1.18 -24.81 8.85
C GLY A 73 2.44 -24.53 9.62
N ARG A 74 2.51 -23.35 10.24
CA ARG A 74 3.62 -23.03 11.13
C ARG A 74 3.26 -21.78 11.92
N ASN A 75 4.07 -21.49 12.94
CA ASN A 75 3.87 -20.28 13.71
C ASN A 75 4.45 -19.10 12.94
N THR A 76 3.58 -18.38 12.22
CA THR A 76 4.03 -17.32 11.32
C THR A 76 4.21 -15.99 12.00
N ASN A 77 3.55 -15.82 13.13
CA ASN A 77 3.58 -14.55 13.84
C ASN A 77 3.07 -13.41 12.94
N GLY A 78 2.24 -13.77 11.96
CA GLY A 78 1.61 -12.79 11.08
C GLY A 78 2.44 -12.33 9.90
N VAL A 79 3.57 -12.99 9.68
CA VAL A 79 4.45 -12.68 8.56
C VAL A 79 4.67 -13.94 7.74
N ILE A 80 4.60 -13.82 6.41
CA ILE A 80 4.85 -14.97 5.55
C ILE A 80 5.84 -14.67 4.45
N THR A 81 6.31 -15.71 3.77
CA THR A 81 7.22 -15.52 2.67
C THR A 81 6.41 -15.36 1.37
N LYS A 82 7.09 -14.95 0.31
CA LYS A 82 6.47 -14.81 -0.98
C LYS A 82 5.93 -16.16 -1.48
N ASP A 83 6.69 -17.23 -1.27
CA ASP A 83 6.24 -18.57 -1.68
C ASP A 83 5.00 -19.02 -0.92
N GLU A 84 4.92 -18.70 0.37
CA GLU A 84 3.72 -19.01 1.14
C GLU A 84 2.50 -18.21 0.63
N ALA A 85 2.72 -16.95 0.29
CA ALA A 85 1.67 -16.13 -0.29
C ALA A 85 1.19 -16.69 -1.64
N GLU A 86 2.12 -17.28 -2.41
CA GLU A 86 1.75 -17.87 -3.68
C GLU A 86 0.87 -19.10 -3.46
N LYS A 87 1.17 -19.89 -2.45
CA LYS A 87 0.33 -21.03 -2.13
C LYS A 87 -1.11 -20.60 -1.78
N LEU A 88 -1.29 -19.56 -0.99
CA LEU A 88 -2.63 -19.07 -0.65
C LEU A 88 -3.28 -18.58 -1.92
N PHE A 89 -2.54 -17.83 -2.72
CA PHE A 89 -3.08 -17.29 -3.95
C PHE A 89 -3.54 -18.37 -4.92
N ASN A 90 -2.75 -19.42 -5.07
CA ASN A 90 -3.14 -20.48 -5.99
C ASN A 90 -4.43 -21.18 -5.58
N GLN A 91 -4.68 -21.27 -4.28
CA GLN A 91 -5.97 -21.79 -3.81
C GLN A 91 -7.10 -20.84 -4.26
N ASP A 92 -6.87 -19.55 -4.14
CA ASP A 92 -7.86 -18.57 -4.55
C ASP A 92 -8.11 -18.60 -6.05
N VAL A 93 -7.06 -18.77 -6.84
CA VAL A 93 -7.22 -18.93 -8.28
C VAL A 93 -8.04 -20.16 -8.59
N ASP A 94 -7.71 -21.27 -7.93
CA ASP A 94 -8.49 -22.49 -8.21
C ASP A 94 -9.99 -22.26 -7.94
N ALA A 95 -10.34 -21.51 -6.90
CA ALA A 95 -11.73 -21.27 -6.59
C ALA A 95 -12.32 -20.34 -7.64
N ALA A 96 -11.56 -19.34 -8.10
CA ALA A 96 -12.05 -18.42 -9.13
C ALA A 96 -12.31 -19.17 -10.44
N VAL A 97 -11.42 -20.06 -10.80
CA VAL A 97 -11.60 -20.87 -11.99
C VAL A 97 -12.85 -21.74 -11.86
N ARG A 98 -13.04 -22.39 -10.73
CA ARG A 98 -14.23 -23.21 -10.53
C ARG A 98 -15.49 -22.40 -10.78
N GLY A 99 -15.52 -21.18 -10.28
CA GLY A 99 -16.64 -20.29 -10.52
C GLY A 99 -16.83 -19.92 -11.98
N ILE A 100 -15.75 -19.58 -12.65
CA ILE A 100 -15.81 -19.31 -14.11
C ILE A 100 -16.39 -20.50 -14.84
N LEU A 101 -15.98 -21.69 -14.46
CA LEU A 101 -16.42 -22.90 -15.16
C LEU A 101 -17.89 -23.26 -14.88
N ARG A 102 -18.52 -22.68 -13.85
CA ARG A 102 -19.97 -22.81 -13.64
C ARG A 102 -20.76 -21.69 -14.20
N ASN A 103 -20.10 -20.70 -14.80
CA ASN A 103 -20.79 -19.53 -15.27
C ASN A 103 -21.05 -19.68 -16.77
N ALA A 104 -22.31 -19.74 -17.15
CA ALA A 104 -22.66 -20.03 -18.53
C ALA A 104 -22.12 -19.02 -19.53
N LYS A 105 -21.92 -17.79 -19.11
CA LYS A 105 -21.38 -16.76 -19.98
C LYS A 105 -19.86 -16.82 -20.10
N LEU A 106 -19.18 -17.20 -19.04
CA LEU A 106 -17.74 -17.13 -19.02
C LEU A 106 -17.04 -18.43 -19.37
N LYS A 107 -17.68 -19.56 -19.12
CA LYS A 107 -17.05 -20.83 -19.42
C LYS A 107 -16.61 -20.99 -20.87
N PRO A 108 -17.48 -20.64 -21.84
CA PRO A 108 -17.07 -20.89 -23.22
C PRO A 108 -15.91 -20.02 -23.64
N VAL A 109 -15.86 -18.81 -23.13
CA VAL A 109 -14.72 -17.93 -23.41
C VAL A 109 -13.45 -18.50 -22.78
N TYR A 110 -13.50 -18.79 -21.49
CA TYR A 110 -12.36 -19.36 -20.79
C TYR A 110 -11.83 -20.62 -21.47
N ASP A 111 -12.73 -21.55 -21.81
CA ASP A 111 -12.31 -22.80 -22.44
C ASP A 111 -11.56 -22.55 -23.77
N SER A 112 -11.98 -21.50 -24.48
CA SER A 112 -11.43 -21.21 -25.81
C SER A 112 -10.06 -20.58 -25.75
N LEU A 113 -9.70 -19.99 -24.61
CA LEU A 113 -8.48 -19.20 -24.51
C LEU A 113 -7.25 -20.06 -24.22
N ASP A 114 -6.10 -19.61 -24.71
CA ASP A 114 -4.82 -20.17 -24.33
C ASP A 114 -4.47 -19.79 -22.89
N ALA A 115 -3.42 -20.38 -22.35
CA ALA A 115 -3.08 -20.21 -20.94
C ALA A 115 -2.81 -18.76 -20.56
N VAL A 116 -2.11 -17.98 -21.39
CA VAL A 116 -1.80 -16.62 -21.03
C VAL A 116 -3.07 -15.80 -21.00
N ARG A 117 -3.91 -15.97 -22.02
CA ARG A 117 -5.14 -15.18 -22.07
C ARG A 117 -6.11 -15.62 -20.97
N ARG A 118 -6.04 -16.89 -20.55
CA ARG A 118 -6.84 -17.32 -19.40
C ARG A 118 -6.41 -16.54 -18.16
N ALA A 119 -5.10 -16.32 -18.01
CA ALA A 119 -4.64 -15.55 -16.86
C ALA A 119 -5.23 -14.13 -16.88
N ALA A 120 -5.29 -13.52 -18.06
CA ALA A 120 -5.87 -12.20 -18.19
C ALA A 120 -7.33 -12.21 -17.77
N LEU A 121 -8.09 -13.24 -18.16
CA LEU A 121 -9.50 -13.32 -17.76
C LEU A 121 -9.64 -13.51 -16.25
N ILE A 122 -8.79 -14.35 -15.64
CA ILE A 122 -8.82 -14.55 -14.20
C ILE A 122 -8.48 -13.24 -13.50
N ASN A 123 -7.50 -12.49 -14.00
CA ASN A 123 -7.13 -11.17 -13.48
C ASN A 123 -8.36 -10.27 -13.43
N MET A 124 -9.11 -10.25 -14.53
CA MET A 124 -10.34 -9.46 -14.54
C MET A 124 -11.33 -9.93 -13.48
N VAL A 125 -11.52 -11.24 -13.33
CA VAL A 125 -12.44 -11.74 -12.34
C VAL A 125 -12.03 -11.39 -10.91
N PHE A 126 -10.72 -11.42 -10.62
CA PHE A 126 -10.25 -10.95 -9.34
C PHE A 126 -10.58 -9.49 -9.11
N GLN A 127 -10.45 -8.67 -10.14
CA GLN A 127 -10.68 -7.26 -9.94
C GLN A 127 -12.14 -6.91 -9.82
N MET A 128 -13.00 -7.52 -10.62
CA MET A 128 -14.36 -7.03 -10.79
C MET A 128 -15.46 -8.08 -10.59
N GLY A 129 -15.10 -9.32 -10.30
CA GLY A 129 -16.03 -10.43 -10.11
C GLY A 129 -16.63 -10.95 -11.40
N GLU A 130 -17.27 -12.09 -11.30
CA GLU A 130 -17.87 -12.69 -12.49
C GLU A 130 -18.90 -11.82 -13.17
N THR A 131 -19.77 -11.18 -12.40
CA THR A 131 -20.82 -10.35 -12.99
C THR A 131 -20.23 -9.21 -13.79
N GLY A 132 -19.22 -8.54 -13.26
CA GLY A 132 -18.55 -7.49 -13.99
C GLY A 132 -17.94 -7.98 -15.29
N VAL A 133 -17.27 -9.11 -15.22
CA VAL A 133 -16.60 -9.60 -16.39
C VAL A 133 -17.62 -10.06 -17.40
N ALA A 134 -18.68 -10.70 -16.93
CA ALA A 134 -19.72 -11.22 -17.84
C ALA A 134 -20.45 -10.09 -18.58
N GLY A 135 -20.37 -8.89 -18.05
CA GLY A 135 -21.07 -7.76 -18.62
C GLY A 135 -20.43 -7.31 -19.93
N PHE A 136 -19.18 -7.73 -20.14
CA PHE A 136 -18.46 -7.35 -21.34
C PHE A 136 -18.84 -8.20 -22.54
N THR A 137 -20.11 -8.17 -22.93
CA THR A 137 -20.64 -9.16 -23.87
C THR A 137 -19.96 -9.16 -25.22
N ASN A 138 -19.89 -8.01 -25.87
CA ASN A 138 -19.22 -7.94 -27.17
C ASN A 138 -17.73 -8.30 -27.09
N SER A 139 -17.03 -7.78 -26.08
CA SER A 139 -15.60 -8.07 -25.97
C SER A 139 -15.37 -9.55 -25.73
N LEU A 140 -16.22 -10.17 -24.89
CA LEU A 140 -16.09 -11.61 -24.63
C LEU A 140 -16.28 -12.44 -25.92
N ARG A 141 -17.28 -12.07 -26.72
CA ARG A 141 -17.53 -12.74 -27.99
C ARG A 141 -16.32 -12.56 -28.92
N MET A 142 -15.77 -11.35 -28.94
CA MET A 142 -14.60 -11.08 -29.75
C MET A 142 -13.44 -11.97 -29.35
N LEU A 143 -13.24 -12.15 -28.05
CA LEU A 143 -12.15 -12.99 -27.55
C LEU A 143 -12.37 -14.44 -27.97
N GLN A 144 -13.59 -14.92 -27.82
CA GLN A 144 -13.90 -16.28 -28.23
C GLN A 144 -13.64 -16.48 -29.73
N GLN A 145 -13.84 -15.44 -30.53
CA GLN A 145 -13.65 -15.51 -31.98
C GLN A 145 -12.22 -15.15 -32.42
N LYS A 146 -11.37 -14.88 -31.42
CA LYS A 146 -9.96 -14.53 -31.64
C LYS A 146 -9.75 -13.20 -32.37
N ARG A 147 -10.73 -12.31 -32.19
CA ARG A 147 -10.68 -10.97 -32.75
C ARG A 147 -10.00 -10.07 -31.73
N TRP A 148 -8.72 -10.29 -31.55
CA TRP A 148 -8.01 -9.72 -30.43
C TRP A 148 -7.93 -8.18 -30.48
N ALA A 149 -7.59 -7.64 -31.66
CA ALA A 149 -7.47 -6.20 -31.79
C ALA A 149 -8.80 -5.51 -31.55
N GLU A 150 -9.89 -6.07 -32.05
CA GLU A 150 -11.21 -5.49 -31.79
C GLU A 150 -11.57 -5.58 -30.29
N ALA A 151 -11.21 -6.68 -29.66
CA ALA A 151 -11.50 -6.86 -28.26
C ALA A 151 -10.76 -5.79 -27.49
N ALA A 152 -9.50 -5.60 -27.84
CA ALA A 152 -8.67 -4.57 -27.17
C ALA A 152 -9.25 -3.16 -27.31
N VAL A 153 -9.75 -2.82 -28.51
CA VAL A 153 -10.37 -1.50 -28.74
C VAL A 153 -11.58 -1.29 -27.85
N ASN A 154 -12.44 -2.29 -27.78
CA ASN A 154 -13.67 -2.18 -27.03
C ASN A 154 -13.43 -2.08 -25.52
N LEU A 155 -12.53 -2.93 -25.02
CA LEU A 155 -12.24 -2.94 -23.60
C LEU A 155 -11.72 -1.59 -23.14
N ALA A 156 -11.03 -0.89 -24.02
CA ALA A 156 -10.44 0.40 -23.62
C ALA A 156 -11.49 1.51 -23.45
N LYS A 157 -12.71 1.29 -23.90
CA LYS A 157 -13.75 2.34 -23.77
C LYS A 157 -14.54 2.25 -22.49
N SER A 158 -14.14 1.35 -21.62
CA SER A 158 -14.94 1.00 -20.47
C SER A 158 -14.58 1.78 -19.21
N ARG A 159 -15.51 1.73 -18.27
CA ARG A 159 -15.30 2.22 -16.94
C ARG A 159 -14.11 1.53 -16.23
N TRP A 160 -13.97 0.22 -16.41
CA TRP A 160 -12.77 -0.51 -15.98
C TRP A 160 -11.49 0.22 -16.35
N TYR A 161 -11.39 0.65 -17.59
CA TYR A 161 -10.19 1.31 -18.05
C TYR A 161 -9.99 2.63 -17.30
N ASN A 162 -11.06 3.36 -17.11
CA ASN A 162 -11.00 4.64 -16.39
C ASN A 162 -10.60 4.46 -14.91
N GLN A 163 -11.02 3.36 -14.28
CA GLN A 163 -10.73 3.13 -12.86
C GLN A 163 -9.23 2.79 -12.62
N THR A 164 -8.68 1.92 -13.46
CA THR A 164 -7.30 1.44 -13.28
C THR A 164 -6.59 1.38 -14.62
N PRO A 165 -6.29 2.55 -15.20
CA PRO A 165 -5.88 2.55 -16.62
C PRO A 165 -4.60 1.76 -16.88
N ASN A 166 -3.68 1.77 -15.94
CA ASN A 166 -2.42 1.09 -16.17
C ASN A 166 -2.52 -0.41 -16.09
N ARG A 167 -3.22 -0.89 -15.07
CA ARG A 167 -3.53 -2.31 -14.97
C ARG A 167 -4.36 -2.75 -16.16
N THR A 168 -5.41 -2.00 -16.47
CA THR A 168 -6.28 -2.41 -17.53
C THR A 168 -5.52 -2.46 -18.84
N LYS A 169 -4.65 -1.49 -19.09
CA LYS A 169 -3.88 -1.54 -20.33
C LYS A 169 -3.00 -2.80 -20.41
N ARG A 170 -2.39 -3.18 -19.30
CA ARG A 170 -1.59 -4.42 -19.32
C ARG A 170 -2.45 -5.65 -19.60
N VAL A 171 -3.61 -5.75 -18.97
CA VAL A 171 -4.48 -6.90 -19.18
C VAL A 171 -4.96 -6.91 -20.66
N ILE A 172 -5.38 -5.76 -21.17
CA ILE A 172 -5.80 -5.68 -22.58
C ILE A 172 -4.67 -6.09 -23.51
N THR A 173 -3.45 -5.60 -23.25
CA THR A 173 -2.29 -5.97 -24.10
C THR A 173 -2.05 -7.47 -24.08
N THR A 174 -2.28 -8.07 -22.92
CA THR A 174 -2.14 -9.52 -22.77
C THR A 174 -3.20 -10.24 -23.62
N PHE A 175 -4.43 -9.77 -23.63
CA PHE A 175 -5.42 -10.27 -24.60
C PHE A 175 -5.03 -10.01 -26.08
N ALA A 176 -4.47 -8.85 -26.34
CA ALA A 176 -4.18 -8.46 -27.73
C ALA A 176 -3.08 -9.35 -28.27
N THR A 177 -2.11 -9.70 -27.42
CA THR A 177 -0.90 -10.38 -27.88
C THR A 177 -0.75 -11.86 -27.49
N GLY A 178 -1.39 -12.27 -26.40
CA GLY A 178 -1.20 -13.61 -25.87
C GLY A 178 0.21 -13.84 -25.30
N THR A 179 0.91 -12.77 -24.96
CA THR A 179 2.26 -12.86 -24.42
C THR A 179 2.27 -12.09 -23.12
N TRP A 180 3.38 -12.20 -22.41
CA TRP A 180 3.58 -11.53 -21.14
C TRP A 180 4.31 -10.20 -21.31
N ASP A 181 4.40 -9.70 -22.53
CA ASP A 181 5.24 -8.53 -22.80
C ASP A 181 4.90 -7.32 -21.93
N ALA A 182 3.64 -7.06 -21.69
CA ALA A 182 3.29 -5.87 -20.92
C ALA A 182 3.85 -5.95 -19.50
N TYR A 183 3.91 -7.17 -18.95
CA TYR A 183 4.43 -7.38 -17.59
C TYR A 183 5.97 -7.35 -17.57
N LYS A 184 6.60 -7.90 -18.59
CA LYS A 184 8.03 -7.83 -18.72
C LYS A 184 8.45 -6.38 -18.85
N ASN A 185 7.66 -5.63 -19.59
CA ASN A 185 7.99 -4.22 -19.79
C ASN A 185 7.80 -3.39 -18.53
N LEU A 186 6.76 -3.69 -17.77
CA LEU A 186 6.51 -2.97 -16.53
C LEU A 186 7.67 -3.25 -15.58
N ARG A 187 7.99 -4.56 -15.39
CA ARG A 187 9.06 -4.86 -14.46
C ARG A 187 10.32 -4.12 -14.83
N LYS A 188 10.65 -4.08 -16.12
CA LYS A 188 11.88 -3.45 -16.53
C LYS A 188 11.87 -1.96 -16.25
N LYS A 189 10.73 -1.32 -16.51
CA LYS A 189 10.56 0.10 -16.28
C LYS A 189 10.77 0.43 -14.80
N LEU A 190 10.19 -0.38 -13.92
CA LEU A 190 10.37 -0.16 -12.50
C LEU A 190 11.80 -0.42 -12.07
N GLU A 191 12.43 -1.46 -12.62
CA GLU A 191 13.81 -1.77 -12.24
C GLU A 191 14.71 -0.63 -12.67
N GLN A 192 14.51 -0.11 -13.88
CA GLN A 192 15.39 0.93 -14.40
C GLN A 192 15.17 2.26 -13.62
N LEU A 193 13.94 2.49 -13.19
CA LEU A 193 13.65 3.68 -12.38
C LEU A 193 14.31 3.53 -10.99
N TYR A 194 14.10 2.40 -10.36
CA TYR A 194 14.74 2.12 -9.09
C TYR A 194 16.24 2.30 -9.17
N ASN A 195 16.85 1.86 -10.25
CA ASN A 195 18.31 1.93 -10.38
C ASN A 195 18.85 3.36 -10.43
N ARG A 196 18.02 4.32 -10.78
CA ARG A 196 18.41 5.72 -10.72
C ARG A 196 18.67 6.19 -9.28
N TYR A 197 17.99 5.58 -8.33
CA TYR A 197 18.01 6.02 -6.94
C TYR A 197 18.81 5.10 -6.03
N LYS A 198 19.05 3.86 -6.42
CA LYS A 198 19.61 2.90 -5.50
C LYS A 198 21.01 3.32 -5.04
N ASP A 199 21.32 2.92 -3.81
CA ASP A 199 22.62 3.07 -3.24
C ASP A 199 23.61 2.27 -4.07
N PRO A 200 24.66 2.92 -4.60
CA PRO A 200 25.59 2.14 -5.41
C PRO A 200 26.32 1.07 -4.60
N GLN A 201 26.32 1.15 -3.28
CA GLN A 201 27.01 0.16 -2.46
C GLN A 201 26.07 -0.86 -1.82
N ASP A 202 24.77 -0.70 -2.04
CA ASP A 202 23.77 -1.61 -1.49
C ASP A 202 22.54 -1.57 -2.36
N GLU A 203 22.46 -2.51 -3.29
CA GLU A 203 21.38 -2.48 -4.24
C GLU A 203 20.01 -2.68 -3.61
N ASN A 204 19.95 -3.18 -2.37
CA ASN A 204 18.68 -3.43 -1.67
C ASN A 204 17.98 -2.16 -1.15
N LYS A 205 18.63 -1.00 -1.25
CA LYS A 205 18.00 0.22 -0.80
C LYS A 205 18.45 1.45 -1.53
N ILE A 206 17.66 2.51 -1.40
CA ILE A 206 18.00 3.86 -1.79
C ILE A 206 18.44 4.55 -0.51
N GLY A 207 19.66 5.12 -0.55
CA GLY A 207 20.17 5.87 0.58
C GLY A 207 19.83 7.34 0.51
N ILE A 208 20.40 8.13 1.40
CA ILE A 208 20.08 9.53 1.44
C ILE A 208 20.29 10.24 0.09
N ASP A 209 21.39 9.95 -0.60
CA ASP A 209 21.62 10.64 -1.88
C ASP A 209 20.50 10.31 -2.87
N GLY A 210 20.03 9.05 -2.85
CA GLY A 210 18.98 8.64 -3.75
C GLY A 210 17.62 9.23 -3.37
N ILE A 211 17.34 9.36 -2.07
CA ILE A 211 16.11 9.98 -1.66
C ILE A 211 16.11 11.44 -2.07
N GLN A 212 17.22 12.13 -1.90
CA GLN A 212 17.33 13.51 -2.34
C GLN A 212 17.07 13.61 -3.84
N GLN A 213 17.64 12.71 -4.63
CA GLN A 213 17.38 12.71 -6.09
C GLN A 213 15.90 12.48 -6.40
N PHE A 214 15.30 11.55 -5.69
CA PHE A 214 13.87 11.27 -5.81
C PHE A 214 13.05 12.53 -5.52
N CYS A 215 13.33 13.20 -4.42
CA CYS A 215 12.68 14.48 -4.12
C CYS A 215 12.94 15.54 -5.19
N ASP A 216 14.18 15.67 -5.63
CA ASP A 216 14.48 16.62 -6.70
C ASP A 216 13.68 16.30 -7.96
N ASP A 217 13.60 15.03 -8.35
CA ASP A 217 12.82 14.63 -9.51
C ASP A 217 11.33 14.96 -9.36
N LEU A 218 10.81 14.91 -8.13
CA LEU A 218 9.44 15.26 -7.83
C LEU A 218 9.25 16.75 -7.56
N ALA A 219 10.36 17.51 -7.61
CA ALA A 219 10.33 18.95 -7.37
C ALA A 219 9.76 19.24 -5.99
N LEU A 220 10.20 18.46 -5.00
CA LEU A 220 9.78 18.66 -3.62
C LEU A 220 10.96 18.93 -2.72
N ASP A 221 10.75 19.80 -1.74
CA ASP A 221 11.74 20.03 -0.70
C ASP A 221 11.71 18.79 0.23
N PRO A 222 12.87 18.20 0.54
CA PRO A 222 12.86 17.06 1.46
C PRO A 222 12.15 17.33 2.78
N ALA A 223 12.15 18.57 3.27
CA ALA A 223 11.56 18.87 4.57
C ALA A 223 10.06 19.17 4.50
N SER A 224 9.49 19.06 3.32
CA SER A 224 8.08 19.35 3.14
C SER A 224 7.25 18.21 3.68
N ILE A 225 6.04 18.54 4.02
CA ILE A 225 5.10 17.54 4.47
C ILE A 225 4.76 16.57 3.33
N SER A 226 4.88 17.00 2.08
CA SER A 226 4.58 16.14 0.95
C SER A 226 5.49 14.94 0.95
N VAL A 227 6.74 15.14 1.32
CA VAL A 227 7.70 14.04 1.32
C VAL A 227 7.32 13.03 2.40
N LEU A 228 6.90 13.51 3.56
CA LEU A 228 6.47 12.62 4.63
C LEU A 228 5.17 11.87 4.24
N ILE A 229 4.30 12.53 3.50
CA ILE A 229 3.09 11.90 2.99
C ILE A 229 3.44 10.78 2.03
N ILE A 230 4.44 11.02 1.17
CA ILE A 230 4.92 9.97 0.31
C ILE A 230 5.43 8.79 1.12
N ALA A 231 6.26 9.07 2.12
CA ALA A 231 6.79 8.01 2.97
C ALA A 231 5.67 7.17 3.59
N TRP A 232 4.67 7.87 4.10
CA TRP A 232 3.49 7.21 4.64
C TRP A 232 2.79 6.29 3.62
N LYS A 233 2.56 6.79 2.42
CA LYS A 233 1.95 5.96 1.41
C LYS A 233 2.80 4.76 1.02
N PHE A 234 4.12 4.92 0.99
CA PHE A 234 5.06 3.83 0.73
C PHE A 234 5.34 2.95 1.96
N ARG A 235 4.70 3.32 3.06
CA ARG A 235 4.86 2.59 4.33
C ARG A 235 6.34 2.42 4.71
N ALA A 236 7.12 3.45 4.47
CA ALA A 236 8.55 3.41 4.71
C ALA A 236 8.84 3.13 6.18
N ALA A 237 9.77 2.22 6.43
CA ALA A 237 10.09 1.82 7.80
C ALA A 237 10.88 2.91 8.53
N THR A 238 11.72 3.65 7.81
CA THR A 238 12.63 4.60 8.47
C THR A 238 13.05 5.72 7.55
N GLN A 239 13.29 6.91 8.10
CA GLN A 239 13.67 8.05 7.30
C GLN A 239 15.02 7.88 6.62
N CYS A 240 15.86 7.00 7.14
CA CYS A 240 17.24 6.95 6.68
CA CYS A 240 17.24 6.90 6.71
C CYS A 240 17.44 6.19 5.38
N GLU A 241 16.44 5.45 4.94
CA GLU A 241 16.59 4.71 3.71
C GLU A 241 15.22 4.42 3.13
N PHE A 242 15.20 3.92 1.92
CA PHE A 242 13.96 3.64 1.19
C PHE A 242 14.26 2.30 0.52
N SER A 243 13.71 1.20 1.03
CA SER A 243 14.10 -0.10 0.50
C SER A 243 13.54 -0.39 -0.88
N LYS A 244 14.21 -1.31 -1.58
CA LYS A 244 13.70 -1.75 -2.86
C LYS A 244 12.30 -2.32 -2.73
N GLN A 245 12.02 -3.11 -1.70
CA GLN A 245 10.68 -3.64 -1.51
C GLN A 245 9.67 -2.52 -1.34
N GLU A 246 10.01 -1.54 -0.52
CA GLU A 246 9.12 -0.42 -0.31
C GLU A 246 8.85 0.33 -1.61
N PHE A 247 9.90 0.58 -2.38
CA PHE A 247 9.75 1.29 -3.63
C PHE A 247 8.85 0.52 -4.59
N MET A 248 9.12 -0.75 -4.78
CA MET A 248 8.30 -1.53 -5.72
C MET A 248 6.85 -1.68 -5.23
N ASP A 249 6.66 -1.95 -3.94
CA ASP A 249 5.30 -2.15 -3.40
C ASP A 249 4.52 -0.84 -3.51
N GLY A 250 5.16 0.28 -3.26
CA GLY A 250 4.45 1.55 -3.32
C GLY A 250 4.10 1.97 -4.73
N MET A 251 5.04 1.84 -5.66
CA MET A 251 4.75 2.14 -7.05
C MET A 251 3.61 1.23 -7.53
N THR A 252 3.60 -0.03 -7.07
CA THR A 252 2.49 -0.92 -7.43
C THR A 252 1.15 -0.45 -6.86
N GLU A 253 1.15 -0.14 -5.58
CA GLU A 253 -0.10 0.16 -4.94
C GLU A 253 -0.66 1.46 -5.45
N LEU A 254 0.22 2.37 -5.83
CA LEU A 254 -0.19 3.66 -6.35
C LEU A 254 -0.49 3.65 -7.84
N GLY A 255 -0.23 2.53 -8.49
CA GLY A 255 -0.45 2.37 -9.92
C GLY A 255 0.41 3.27 -10.78
N CYS A 256 1.68 3.40 -10.41
CA CYS A 256 2.62 4.27 -11.11
C CYS A 256 3.82 3.50 -11.61
N ASP A 257 4.27 3.83 -12.82
CA ASP A 257 5.50 3.26 -13.36
C ASP A 257 6.48 4.33 -13.80
N SER A 258 6.21 5.56 -13.41
CA SER A 258 7.06 6.67 -13.80
C SER A 258 7.01 7.79 -12.78
N ILE A 259 7.99 8.68 -12.82
CA ILE A 259 8.01 9.82 -11.92
C ILE A 259 6.87 10.76 -12.22
N GLU A 260 6.55 10.93 -13.50
CA GLU A 260 5.44 11.80 -13.87
C GLU A 260 4.13 11.28 -13.28
N LYS A 261 3.92 9.96 -13.31
CA LYS A 261 2.69 9.43 -12.75
C LYS A 261 2.68 9.56 -11.25
N LEU A 262 3.81 9.33 -10.60
CA LEU A 262 3.88 9.50 -9.16
C LEU A 262 3.60 10.96 -8.81
N LYS A 263 4.20 11.91 -9.52
CA LYS A 263 3.95 13.31 -9.23
C LYS A 263 2.46 13.64 -9.30
N ALA A 264 1.75 13.11 -10.30
CA ALA A 264 0.31 13.32 -10.45
C ALA A 264 -0.49 12.72 -9.32
N GLN A 265 0.06 11.69 -8.69
CA GLN A 265 -0.62 11.02 -7.58
C GLN A 265 -0.49 11.74 -6.23
N ILE A 266 0.52 12.59 -6.07
CA ILE A 266 0.76 13.23 -4.77
C ILE A 266 -0.45 14.01 -4.26
N PRO A 267 -1.08 14.83 -5.10
CA PRO A 267 -2.24 15.55 -4.54
C PRO A 267 -3.35 14.62 -4.05
N LYS A 268 -3.50 13.46 -4.67
CA LYS A 268 -4.49 12.50 -4.27
C LYS A 268 -4.10 11.92 -2.91
N MET A 269 -2.82 11.66 -2.69
CA MET A 269 -2.39 11.21 -1.36
C MET A 269 -2.68 12.25 -0.32
N GLU A 270 -2.40 13.50 -0.62
CA GLU A 270 -2.65 14.57 0.32
C GLU A 270 -4.14 14.64 0.67
N GLN A 271 -5.02 14.46 -0.33
CA GLN A 271 -6.48 14.48 -0.09
C GLN A 271 -6.96 13.38 0.84
N GLU A 272 -6.27 12.24 0.84
CA GLU A 272 -6.67 11.14 1.69
CA GLU A 272 -6.65 11.14 1.69
C GLU A 272 -6.61 11.52 3.16
N LEU A 273 -5.77 12.51 3.51
CA LEU A 273 -5.65 12.91 4.91
C LEU A 273 -6.92 13.51 5.45
N LYS A 274 -7.86 13.83 4.57
CA LYS A 274 -9.16 14.33 5.01
C LYS A 274 -10.19 13.23 5.27
N GLU A 275 -9.92 11.99 4.83
CA GLU A 275 -10.88 10.91 5.07
CA GLU A 275 -10.83 10.85 5.05
C GLU A 275 -10.81 10.41 6.52
N PRO A 276 -11.90 9.79 7.01
CA PRO A 276 -11.95 9.39 8.43
C PRO A 276 -10.77 8.55 8.87
N GLY A 277 -10.13 9.04 9.95
CA GLY A 277 -9.04 8.38 10.63
C GLY A 277 -7.70 8.39 9.93
N ARG A 278 -7.64 8.99 8.75
CA ARG A 278 -6.42 8.89 7.97
C ARG A 278 -5.33 9.84 8.49
N PHE A 279 -5.72 11.03 8.92
CA PHE A 279 -4.72 11.87 9.54
C PHE A 279 -4.10 11.21 10.77
N LYS A 280 -4.92 10.59 11.61
CA LYS A 280 -4.40 9.92 12.79
C LYS A 280 -3.44 8.79 12.38
N ASP A 281 -3.79 8.03 11.34
CA ASP A 281 -2.91 6.97 10.85
C ASP A 281 -1.54 7.56 10.42
N PHE A 282 -1.59 8.65 9.67
CA PHE A 282 -0.39 9.37 9.21
C PHE A 282 0.43 9.88 10.39
N TYR A 283 -0.23 10.54 11.33
CA TYR A 283 0.42 11.07 12.51
C TYR A 283 1.11 9.95 13.28
N GLN A 284 0.45 8.82 13.47
CA GLN A 284 1.04 7.75 14.23
C GLN A 284 2.17 7.08 13.48
N PHE A 285 2.01 6.99 12.16
CA PHE A 285 3.06 6.46 11.29
C PHE A 285 4.36 7.23 11.48
N THR A 286 4.23 8.55 11.62
CA THR A 286 5.38 9.44 11.66
C THR A 286 6.35 9.04 12.77
N PHE A 287 5.82 8.61 13.92
CA PHE A 287 6.69 8.27 15.06
C PHE A 287 7.66 7.14 14.69
N ASN A 288 7.16 6.06 14.14
CA ASN A 288 8.05 4.95 13.86
C ASN A 288 9.03 5.26 12.73
N PHE A 289 8.55 6.01 11.76
CA PHE A 289 9.36 6.43 10.63
C PHE A 289 10.49 7.31 11.08
N ALA A 290 10.22 8.23 11.99
CA ALA A 290 11.22 9.22 12.41
C ALA A 290 12.29 8.65 13.34
N LYS A 291 11.96 7.60 14.09
CA LYS A 291 12.77 7.15 15.21
C LYS A 291 13.96 6.36 14.71
N ASN A 292 15.05 6.38 15.45
CA ASN A 292 16.15 5.47 15.18
C ASN A 292 15.67 4.03 15.38
N PRO A 293 15.83 3.16 14.37
CA PRO A 293 15.43 1.76 14.56
C PRO A 293 16.02 1.06 15.80
N GLY A 294 17.26 1.39 16.16
CA GLY A 294 17.86 0.76 17.33
C GLY A 294 17.30 1.22 18.66
N GLN A 295 16.35 2.17 18.65
CA GLN A 295 15.82 2.76 19.87
C GLN A 295 14.35 2.49 20.00
N LYS A 296 13.86 2.46 21.23
CA LYS A 296 12.46 2.21 21.47
C LYS A 296 11.68 3.52 21.37
N GLY A 297 12.30 4.61 21.82
CA GLY A 297 11.67 5.91 21.82
C GLY A 297 12.29 6.87 20.81
N LEU A 298 11.66 8.01 20.66
CA LEU A 298 12.04 9.01 19.68
C LEU A 298 12.79 10.14 20.39
N ASP A 299 14.00 10.46 19.95
CA ASP A 299 14.77 11.57 20.52
C ASP A 299 13.96 12.83 20.49
N LEU A 300 13.99 13.58 21.59
CA LEU A 300 13.21 14.80 21.71
C LEU A 300 13.41 15.77 20.56
N GLU A 301 14.65 15.98 20.13
CA GLU A 301 14.90 16.96 19.08
C GLU A 301 14.22 16.54 17.77
N MET A 302 14.27 15.25 17.48
CA MET A 302 13.62 14.73 16.28
C MET A 302 12.09 14.79 16.42
N ALA A 303 11.59 14.50 17.62
CA ALA A 303 10.17 14.61 17.88
C ALA A 303 9.68 16.03 17.67
N ILE A 304 10.43 16.99 18.17
CA ILE A 304 10.09 18.38 17.99
C ILE A 304 10.04 18.77 16.48
N ALA A 305 11.03 18.33 15.71
CA ALA A 305 11.07 18.61 14.28
C ALA A 305 9.84 18.05 13.57
N TYR A 306 9.52 16.80 13.86
CA TYR A 306 8.37 16.22 13.19
C TYR A 306 7.06 16.78 13.72
N TRP A 307 6.94 17.04 15.02
CA TRP A 307 5.72 17.69 15.52
C TRP A 307 5.51 19.01 14.83
N ASN A 308 6.57 19.77 14.62
CA ASN A 308 6.40 21.04 13.97
C ASN A 308 5.98 20.91 12.51
N LEU A 309 6.41 19.86 11.86
CA LEU A 309 6.02 19.62 10.49
C LEU A 309 4.55 19.20 10.41
N VAL A 310 4.14 18.23 11.23
CA VAL A 310 2.81 17.66 11.06
C VAL A 310 1.71 18.36 11.83
N LEU A 311 2.03 19.10 12.90
CA LEU A 311 1.00 19.74 13.71
C LEU A 311 0.90 21.23 13.52
N ASN A 312 1.77 21.87 12.74
CA ASN A 312 1.67 23.30 12.58
C ASN A 312 0.35 23.64 11.86
N GLY A 313 -0.43 24.52 12.46
CA GLY A 313 -1.74 24.88 11.96
C GLY A 313 -2.88 23.96 12.38
N ARG A 314 -2.54 22.90 13.11
CA ARG A 314 -3.53 21.94 13.62
C ARG A 314 -3.61 21.98 15.15
N PHE A 315 -2.47 22.09 15.80
CA PHE A 315 -2.39 22.09 17.26
C PHE A 315 -2.23 23.55 17.70
N LYS A 316 -3.27 24.10 18.32
CA LYS A 316 -3.32 25.53 18.57
C LYS A 316 -2.29 25.96 19.62
N PHE A 317 -1.74 25.03 20.37
CA PHE A 317 -0.73 25.37 21.36
C PHE A 317 0.68 24.94 20.95
N LEU A 318 0.92 24.74 19.67
CA LEU A 318 2.22 24.27 19.23
C LEU A 318 3.36 25.21 19.63
N ASP A 319 3.16 26.50 19.50
CA ASP A 319 4.25 27.39 19.87
C ASP A 319 4.57 27.28 21.36
N LEU A 320 3.57 27.22 22.23
CA LEU A 320 3.84 27.05 23.66
C LEU A 320 4.46 25.68 23.95
N TRP A 321 4.08 24.65 23.18
CA TRP A 321 4.65 23.33 23.32
C TRP A 321 6.12 23.38 23.03
N ASN A 322 6.50 24.10 22.00
CA ASN A 322 7.93 24.27 21.71
C ASN A 322 8.68 24.95 22.85
N LYS A 323 8.11 26.01 23.37
CA LYS A 323 8.75 26.75 24.44
C LYS A 323 8.90 25.83 25.67
N PHE A 324 7.86 25.06 25.99
CA PHE A 324 7.88 24.14 27.11
C PHE A 324 8.99 23.12 26.94
N LEU A 325 9.08 22.52 25.74
CA LEU A 325 10.07 21.48 25.53
C LEU A 325 11.50 21.98 25.49
N LEU A 326 11.70 23.23 25.07
CA LEU A 326 13.06 23.72 24.99
C LEU A 326 13.61 23.92 26.37
N GLU A 327 12.74 23.95 27.38
CA GLU A 327 13.21 23.75 28.75
C GLU A 327 13.23 22.25 29.09
N SER A 332 13.87 12.08 25.30
CA SER A 332 13.24 10.97 24.60
C SER A 332 11.69 10.90 24.76
N ILE A 333 10.98 10.52 23.69
CA ILE A 333 9.50 10.45 23.69
C ILE A 333 9.03 9.03 23.34
N PRO A 334 8.24 8.38 24.24
CA PRO A 334 7.73 7.05 23.93
C PRO A 334 6.51 7.13 23.00
N LYS A 335 6.18 6.01 22.36
CA LYS A 335 5.08 5.98 21.39
C LYS A 335 3.77 6.48 21.97
N ASP A 336 3.44 6.04 23.19
CA ASP A 336 2.18 6.42 23.79
C ASP A 336 2.06 7.93 24.03
N THR A 337 3.16 8.57 24.39
CA THR A 337 3.15 10.02 24.54
C THR A 337 2.98 10.73 23.21
N TRP A 338 3.70 10.30 22.19
CA TRP A 338 3.47 10.82 20.82
C TRP A 338 2.00 10.69 20.46
N ASN A 339 1.47 9.48 20.62
CA ASN A 339 0.10 9.27 20.17
C ASN A 339 -0.88 10.17 20.87
N LEU A 340 -0.71 10.32 22.19
CA LEU A 340 -1.70 11.03 22.97
C LEU A 340 -1.67 12.54 22.76
N LEU A 341 -0.56 13.07 22.24
CA LEU A 341 -0.53 14.51 21.97
C LEU A 341 -1.61 14.87 20.97
N LEU A 342 -1.85 14.02 19.99
CA LEU A 342 -2.90 14.32 19.03
C LEU A 342 -4.25 14.32 19.70
N ASP A 343 -4.49 13.35 20.57
CA ASP A 343 -5.77 13.36 21.28
C ASP A 343 -5.94 14.59 22.14
N PHE A 344 -4.87 15.01 22.80
CA PHE A 344 -4.89 16.23 23.58
C PHE A 344 -5.26 17.43 22.70
N SER A 345 -4.60 17.50 21.55
CA SER A 345 -4.83 18.62 20.63
C SER A 345 -6.27 18.69 20.19
N THR A 346 -6.86 17.52 19.97
CA THR A 346 -8.24 17.45 19.51
C THR A 346 -9.25 17.85 20.60
N MET A 347 -9.00 17.51 21.85
CA MET A 347 -10.02 17.75 22.86
C MET A 347 -9.85 19.10 23.58
N ILE A 348 -8.65 19.68 23.57
CA ILE A 348 -8.38 20.78 24.49
C ILE A 348 -9.11 22.07 24.09
N ALA A 349 -9.70 22.74 25.06
CA ALA A 349 -10.38 24.01 24.83
C ALA A 349 -9.35 25.08 24.53
N ASP A 350 -9.78 26.15 23.89
CA ASP A 350 -8.87 27.24 23.51
C ASP A 350 -8.16 27.85 24.72
N ASP A 351 -8.79 27.75 25.88
CA ASP A 351 -8.22 28.26 27.13
C ASP A 351 -7.75 27.16 28.11
N MET A 352 -7.67 25.93 27.61
CA MET A 352 -7.29 24.74 28.42
C MET A 352 -8.17 24.47 29.61
N SER A 353 -9.35 25.05 29.64
CA SER A 353 -10.15 25.00 30.88
C SER A 353 -10.84 23.64 31.10
N ASN A 354 -10.76 22.73 30.13
CA ASN A 354 -11.48 21.46 30.15
C ASN A 354 -10.51 20.28 30.25
N TYR A 355 -9.26 20.55 30.64
CA TYR A 355 -8.33 19.46 30.83
C TYR A 355 -8.69 18.61 32.04
N ASP A 356 -8.71 17.31 31.84
CA ASP A 356 -8.96 16.37 32.94
C ASP A 356 -7.63 15.78 33.43
N GLU A 357 -7.17 16.28 34.58
CA GLU A 357 -5.92 15.83 35.18
C GLU A 357 -5.94 14.32 35.59
N GLU A 358 -7.13 13.76 35.77
CA GLU A 358 -7.25 12.34 36.04
C GLU A 358 -7.47 11.52 34.77
N GLY A 359 -7.20 12.11 33.62
CA GLY A 359 -7.38 11.40 32.35
C GLY A 359 -6.23 10.48 31.90
N ALA A 360 -5.26 10.26 32.78
CA ALA A 360 -4.13 9.37 32.49
C ALA A 360 -3.31 9.82 31.26
N TRP A 361 -3.27 11.12 31.06
CA TRP A 361 -2.34 11.72 30.09
C TRP A 361 -0.93 11.51 30.56
N PRO A 362 0.02 11.54 29.64
CA PRO A 362 1.43 11.46 30.04
C PRO A 362 1.77 12.59 31.03
N VAL A 363 2.71 12.34 31.91
CA VAL A 363 3.20 13.37 32.80
C VAL A 363 3.65 14.60 32.01
N LEU A 364 4.24 14.37 30.84
CA LEU A 364 4.70 15.46 30.00
C LEU A 364 3.58 16.41 29.65
N ILE A 365 2.42 15.87 29.37
CA ILE A 365 1.25 16.71 29.06
C ILE A 365 0.65 17.36 30.31
N ASP A 366 0.57 16.62 31.43
CA ASP A 366 0.15 17.24 32.69
C ASP A 366 1.02 18.45 32.98
N ASP A 367 2.34 18.27 32.85
CA ASP A 367 3.30 19.35 33.14
C ASP A 367 3.13 20.53 32.16
N PHE A 368 2.87 20.19 30.90
CA PHE A 368 2.64 21.21 29.89
C PHE A 368 1.45 22.09 30.25
N VAL A 369 0.34 21.49 30.70
CA VAL A 369 -0.85 22.28 31.01
C VAL A 369 -0.54 23.20 32.18
N GLU A 370 0.24 22.73 33.14
CA GLU A 370 0.60 23.58 34.27
C GLU A 370 1.47 24.74 33.85
N PHE A 371 2.36 24.47 32.89
CA PHE A 371 3.23 25.49 32.31
C PHE A 371 2.45 26.52 31.47
N ALA A 372 1.48 26.03 30.69
CA ALA A 372 0.86 26.86 29.67
C ALA A 372 -0.26 27.72 30.16
N ARG A 373 -1.01 27.29 31.16
CA ARG A 373 -2.08 28.19 31.66
C ARG A 373 -1.65 29.63 32.03
N PRO A 374 -0.51 29.80 32.71
CA PRO A 374 -0.11 31.19 32.98
C PRO A 374 0.29 32.00 31.74
N GLN A 375 -0.03 31.52 30.56
CA GLN A 375 0.43 32.13 29.32
C GLN A 375 -0.67 32.01 28.29
C4 8ZA B . 13.94 16.71 7.86
C14 8ZA B . 17.12 14.24 1.81
C5 8ZA B . 14.40 14.51 7.89
C6 8ZA B . 14.89 13.41 6.94
C11 8ZA B . 16.12 12.45 3.79
C7 8ZA B . 13.90 13.23 5.88
C8 8ZA B . 13.66 14.39 5.09
C9 8ZA B . 13.25 15.51 6.07
C10 8ZA B . 15.58 11.48 4.87
C12 8ZA B . 17.31 13.13 3.99
C13 8ZA B . 17.81 14.03 3.01
N1 8ZA B . 14.19 15.71 7.17
N2 8ZA B . 14.19 11.91 5.10
C3 8ZA B . 12.65 16.55 8.71
N3 8ZA B . 13.46 9.97 4.02
C1 8ZA B . 10.82 17.57 10.03
C2 8ZA B . 12.12 17.86 9.29
C15 8ZA B . 15.92 13.59 1.59
C16 8ZA B . 15.42 12.69 2.60
C17 8ZA B . 13.17 11.22 4.61
O 8ZA B . 12.03 11.63 4.68
C18 8ZA B . 12.53 9.15 3.32
C23 8ZA B . 11.62 9.77 2.47
C22 8ZA B . 10.75 8.97 1.75
CL2 8ZA B . 9.60 9.68 0.68
C21 8ZA B . 10.81 7.60 1.83
CL1 8ZA B . 9.69 6.68 0.87
C20 8ZA B . 11.77 7.00 2.68
C19 8ZA B . 12.65 7.77 3.43
#